data_4X5R
#
_entry.id   4X5R
#
_cell.length_a   53.290
_cell.length_b   96.930
_cell.length_c   97.860
_cell.angle_alpha   90.00
_cell.angle_beta   90.00
_cell.angle_gamma   90.00
#
_symmetry.space_group_name_H-M   'P 21 21 21'
#
loop_
_entity.id
_entity.type
_entity.pdbx_description
1 polymer 'Protein FimH'
2 non-polymer '2-chloro-4-{[2-(4-methylpiperazin-1-yl)-3,4-dioxocyclobut-1-en-1-yl]amino}phenyl alpha-D-mannopyranoside'
3 non-polymer 'SULFATE ION'
4 water water
#
_entity_poly.entity_id   1
_entity_poly.type   'polypeptide(L)'
_entity_poly.pdbx_seq_one_letter_code
;FACKTANGTAIPIGGGSANVYVNLAPVVNVGQNLVVDLSTQIFCHNDYPETITDYVTLQRGSAYGGVLSNFSGTVKYSGS
SYPFPTTSETPRVVYNSRTDKPWPVALYLTPVSSAGGVAIKAGSLIAVLILRQTNNYNSDDFQFVWNIYANNDVVVPTGL
;
_entity_poly.pdbx_strand_id   A,B,C
#
loop_
_chem_comp.id
_chem_comp.type
_chem_comp.name
_chem_comp.formula
3XO non-polymer '2-chloro-4-{[2-(4-methylpiperazin-1-yl)-3,4-dioxocyclobut-1-en-1-yl]amino}phenyl alpha-D-mannopyranoside' 'C21 H26 Cl N3 O8'
SO4 non-polymer 'SULFATE ION' 'O4 S -2'
#
# COMPACT_ATOMS: atom_id res chain seq x y z
N PHE A 1 18.93 6.87 -14.87
CA PHE A 1 18.48 5.60 -14.23
C PHE A 1 17.08 5.81 -13.67
N ALA A 2 16.14 4.95 -14.07
CA ALA A 2 14.77 5.00 -13.57
C ALA A 2 14.19 3.60 -13.60
N CYS A 3 13.11 3.41 -12.85
CA CYS A 3 12.49 2.10 -12.70
C CYS A 3 10.99 2.16 -12.90
N LYS A 4 10.36 1.01 -13.09
CA LYS A 4 8.91 0.95 -13.18
C LYS A 4 8.43 -0.42 -12.74
N THR A 5 7.18 -0.49 -12.30
CA THR A 5 6.60 -1.75 -11.88
C THR A 5 5.78 -2.37 -12.97
N ALA A 6 5.42 -3.62 -12.75
CA ALA A 6 4.60 -4.32 -13.71
C ALA A 6 3.22 -3.69 -13.93
N ASN A 7 2.74 -2.89 -12.98
CA ASN A 7 1.42 -2.26 -13.16
C ASN A 7 1.55 -0.86 -13.77
N GLY A 8 2.77 -0.45 -14.09
CA GLY A 8 3.00 0.81 -14.78
C GLY A 8 3.43 2.01 -13.94
N THR A 9 3.62 1.81 -12.64
CA THR A 9 4.08 2.85 -11.75
C THR A 9 5.57 3.10 -11.91
N ALA A 10 5.93 4.34 -12.19
CA ALA A 10 7.33 4.71 -12.41
C ALA A 10 7.92 5.32 -11.14
N ILE A 11 9.22 5.10 -10.94
CA ILE A 11 10.02 5.94 -10.04
C ILE A 11 11.08 6.58 -10.90
N PRO A 12 11.12 7.91 -10.91
CA PRO A 12 11.98 8.61 -11.87
C PRO A 12 13.41 8.78 -11.39
N ILE A 13 14.21 9.36 -12.28
CA ILE A 13 15.55 9.79 -11.96
C ILE A 13 15.57 10.53 -10.64
N GLY A 14 16.51 10.17 -9.78
CA GLY A 14 16.66 10.78 -8.48
C GLY A 14 15.98 9.99 -7.38
N GLY A 15 15.20 8.99 -7.76
CA GLY A 15 14.56 8.11 -6.79
C GLY A 15 13.17 8.56 -6.34
N GLY A 16 12.67 7.89 -5.31
CA GLY A 16 11.29 8.05 -4.89
C GLY A 16 10.75 6.76 -4.34
N SER A 17 9.43 6.62 -4.33
N SER A 17 9.42 6.64 -4.34
CA SER A 17 8.81 5.42 -3.79
CA SER A 17 8.75 5.47 -3.80
C SER A 17 7.61 4.99 -4.63
C SER A 17 7.65 4.97 -4.73
N ALA A 18 7.34 3.70 -4.61
CA ALA A 18 6.18 3.12 -5.28
C ALA A 18 5.63 1.97 -4.47
N ASN A 19 4.31 1.77 -4.57
CA ASN A 19 3.66 0.60 -4.05
C ASN A 19 3.61 -0.56 -5.07
N VAL A 20 4.01 -1.73 -4.60
CA VAL A 20 4.04 -2.95 -5.42
C VAL A 20 3.14 -3.98 -4.75
N TYR A 21 2.10 -4.40 -5.46
CA TYR A 21 1.18 -5.44 -4.96
C TYR A 21 1.58 -6.80 -5.52
N VAL A 22 1.95 -7.73 -4.65
CA VAL A 22 2.51 -9.01 -5.08
C VAL A 22 1.49 -10.13 -4.94
N ASN A 23 1.39 -10.90 -6.01
CA ASN A 23 0.63 -12.14 -6.04
C ASN A 23 1.29 -13.21 -5.17
N LEU A 24 0.57 -13.73 -4.19
CA LEU A 24 1.13 -14.72 -3.28
C LEU A 24 0.38 -16.04 -3.37
N ALA A 25 1.11 -17.14 -3.30
CA ALA A 25 0.49 -18.45 -3.18
C ALA A 25 -0.51 -18.42 -2.02
N PRO A 26 -1.79 -18.76 -2.28
CA PRO A 26 -2.82 -18.55 -1.25
C PRO A 26 -2.76 -19.56 -0.09
N VAL A 27 -2.05 -20.66 -0.31
CA VAL A 27 -1.84 -21.69 0.69
C VAL A 27 -0.36 -22.05 0.69
N VAL A 28 0.25 -21.97 1.86
CA VAL A 28 1.64 -22.35 2.07
C VAL A 28 1.66 -23.31 3.26
N ASN A 29 2.12 -24.54 3.05
CA ASN A 29 2.13 -25.50 4.15
C ASN A 29 3.30 -25.32 5.09
N VAL A 30 3.17 -25.86 6.29
CA VAL A 30 4.32 -25.95 7.19
C VAL A 30 5.45 -26.64 6.46
N GLY A 31 6.63 -26.03 6.56
CA GLY A 31 7.80 -26.58 5.93
C GLY A 31 8.02 -26.19 4.47
N GLN A 32 7.13 -25.38 3.91
CA GLN A 32 7.26 -24.95 2.52
C GLN A 32 7.65 -23.48 2.49
N ASN A 33 8.33 -23.08 1.42
CA ASN A 33 8.68 -21.68 1.18
C ASN A 33 7.58 -20.93 0.43
N LEU A 34 7.24 -19.75 0.92
CA LEU A 34 6.46 -18.79 0.15
C LEU A 34 7.46 -17.94 -0.60
N VAL A 35 7.35 -17.91 -1.93
CA VAL A 35 8.27 -17.17 -2.77
C VAL A 35 7.62 -15.86 -3.19
N VAL A 36 8.32 -14.76 -2.91
CA VAL A 36 7.87 -13.43 -3.31
C VAL A 36 8.91 -12.91 -4.29
N ASP A 37 8.64 -13.06 -5.58
CA ASP A 37 9.63 -12.76 -6.62
C ASP A 37 9.39 -11.36 -7.19
N LEU A 38 10.28 -10.43 -6.87
CA LEU A 38 10.12 -9.06 -7.30
C LEU A 38 10.72 -8.82 -8.68
N SER A 39 11.51 -9.79 -9.18
CA SER A 39 12.18 -9.66 -10.47
C SER A 39 11.19 -9.66 -11.63
N THR A 40 10.00 -10.20 -11.41
CA THR A 40 8.95 -10.08 -12.39
C THR A 40 8.11 -8.80 -12.22
N GLN A 41 8.35 -8.02 -11.16
CA GLN A 41 7.48 -6.91 -10.81
C GLN A 41 8.15 -5.55 -10.84
N ILE A 42 9.48 -5.55 -10.80
CA ILE A 42 10.27 -4.32 -10.72
C ILE A 42 11.37 -4.37 -11.75
N PHE A 43 11.41 -3.35 -12.63
CA PHE A 43 12.39 -3.27 -13.70
C PHE A 43 13.07 -1.90 -13.71
N CYS A 44 14.35 -1.85 -14.04
CA CYS A 44 15.06 -0.59 -14.20
C CYS A 44 15.92 -0.55 -15.46
N HIS A 45 16.36 0.66 -15.80
CA HIS A 45 17.27 0.85 -16.93
C HIS A 45 18.21 2.03 -16.70
N ASN A 46 19.28 2.04 -17.50
CA ASN A 46 20.28 3.07 -17.57
C ASN A 46 19.89 4.09 -18.68
N ASP A 47 19.86 5.38 -18.34
CA ASP A 47 19.44 6.42 -19.29
C ASP A 47 20.58 7.00 -20.16
N TYR A 48 21.81 6.52 -20.00
CA TYR A 48 22.95 7.03 -20.78
C TYR A 48 24.04 5.96 -20.87
N PRO A 49 23.69 4.76 -21.35
CA PRO A 49 24.62 3.63 -21.25
C PRO A 49 25.88 3.76 -22.09
N GLU A 50 25.85 4.54 -23.17
CA GLU A 50 27.05 4.70 -23.99
C GLU A 50 28.20 5.35 -23.22
N THR A 51 27.89 6.05 -22.13
CA THR A 51 28.87 6.85 -21.39
C THR A 51 28.93 6.49 -19.91
N ILE A 52 27.81 6.11 -19.33
CA ILE A 52 27.72 5.87 -17.88
C ILE A 52 27.40 4.42 -17.55
N THR A 53 28.04 3.90 -16.49
CA THR A 53 27.71 2.62 -15.87
C THR A 53 26.96 2.89 -14.56
N ASP A 54 25.81 2.26 -14.39
CA ASP A 54 25.04 2.42 -13.16
C ASP A 54 25.29 1.21 -12.27
N TYR A 55 25.35 1.47 -10.97
CA TYR A 55 25.51 0.44 -9.93
C TYR A 55 24.30 0.40 -9.02
N VAL A 56 23.81 -0.80 -8.73
CA VAL A 56 22.55 -0.99 -7.99
C VAL A 56 22.69 -2.06 -6.92
N THR A 57 22.39 -1.67 -5.69
CA THR A 57 22.29 -2.61 -4.60
C THR A 57 20.90 -2.74 -4.01
N LEU A 58 20.74 -3.82 -3.25
CA LEU A 58 19.68 -3.91 -2.27
C LEU A 58 20.28 -3.35 -1.00
N GLN A 59 19.91 -2.12 -0.66
CA GLN A 59 20.52 -1.46 0.47
C GLN A 59 19.95 -1.96 1.80
N ARG A 60 18.67 -2.25 1.82
CA ARG A 60 17.98 -2.63 3.04
C ARG A 60 16.68 -3.34 2.68
N GLY A 61 16.35 -4.36 3.47
CA GLY A 61 15.06 -5.03 3.41
C GLY A 61 14.49 -5.23 4.79
N SER A 62 13.25 -4.80 4.96
CA SER A 62 12.54 -4.84 6.23
C SER A 62 11.21 -5.60 6.06
N ALA A 63 10.77 -6.31 7.10
CA ALA A 63 9.55 -7.08 7.10
C ALA A 63 8.48 -6.44 7.94
N TYR A 64 7.25 -6.56 7.49
CA TYR A 64 6.08 -6.01 8.18
C TYR A 64 4.91 -6.97 8.16
N GLY A 65 3.88 -6.63 8.92
CA GLY A 65 2.62 -7.35 8.85
C GLY A 65 2.77 -8.84 9.14
N GLY A 66 2.07 -9.66 8.35
CA GLY A 66 2.07 -11.09 8.57
C GLY A 66 3.41 -11.73 8.30
N VAL A 67 4.21 -11.11 7.46
CA VAL A 67 5.51 -11.68 7.17
C VAL A 67 6.42 -11.55 8.41
N LEU A 68 6.43 -10.37 8.99
CA LEU A 68 7.19 -10.14 10.22
C LEU A 68 6.69 -11.01 11.37
N SER A 69 5.38 -11.21 11.50
N SER A 69 5.36 -11.15 11.49
CA SER A 69 4.86 -11.92 12.67
CA SER A 69 4.73 -11.88 12.59
C SER A 69 4.84 -13.43 12.51
C SER A 69 4.90 -13.39 12.48
N ASN A 70 4.69 -13.93 11.28
CA ASN A 70 4.42 -15.37 11.08
C ASN A 70 5.39 -16.17 10.19
N PHE A 71 6.33 -15.49 9.56
CA PHE A 71 7.30 -16.13 8.67
C PHE A 71 8.73 -15.75 9.06
N SER A 72 9.67 -16.59 8.62
CA SER A 72 11.09 -16.31 8.73
C SER A 72 11.71 -16.70 7.42
N GLY A 73 12.71 -15.97 6.96
CA GLY A 73 13.34 -16.39 5.74
C GLY A 73 14.56 -15.59 5.34
N THR A 74 14.78 -15.59 4.04
CA THR A 74 15.96 -15.00 3.44
C THR A 74 15.58 -14.16 2.22
N VAL A 75 16.53 -13.35 1.75
CA VAL A 75 16.36 -12.66 0.47
C VAL A 75 17.47 -13.07 -0.51
N LYS A 76 17.10 -13.35 -1.75
CA LYS A 76 18.07 -13.68 -2.78
C LYS A 76 18.26 -12.45 -3.65
N TYR A 77 19.48 -11.95 -3.76
CA TYR A 77 19.78 -10.86 -4.69
C TYR A 77 20.82 -11.30 -5.69
N SER A 78 20.46 -11.27 -6.96
CA SER A 78 21.39 -11.56 -8.06
C SER A 78 22.18 -12.84 -7.77
N GLY A 79 21.45 -13.90 -7.42
CA GLY A 79 22.04 -15.22 -7.29
C GLY A 79 22.65 -15.59 -5.95
N SER A 80 22.61 -14.68 -4.98
CA SER A 80 23.17 -14.92 -3.65
C SER A 80 22.11 -14.65 -2.58
N SER A 81 22.15 -15.45 -1.53
CA SER A 81 21.20 -15.32 -0.41
C SER A 81 21.77 -14.62 0.83
N TYR A 82 20.90 -13.87 1.51
CA TYR A 82 21.26 -12.99 2.62
C TYR A 82 20.15 -13.08 3.65
N PRO A 83 20.45 -12.78 4.91
CA PRO A 83 19.37 -12.70 5.91
C PRO A 83 18.28 -11.71 5.52
N PHE A 84 17.04 -12.05 5.87
CA PHE A 84 15.91 -11.12 5.74
C PHE A 84 15.12 -11.18 7.03
N PRO A 85 14.84 -10.02 7.65
CA PRO A 85 15.28 -8.65 7.36
C PRO A 85 16.80 -8.51 7.26
N THR A 86 17.25 -7.57 6.41
CA THR A 86 18.68 -7.50 6.09
C THR A 86 19.50 -6.89 7.20
N THR A 87 20.79 -7.22 7.21
CA THR A 87 21.72 -6.74 8.22
C THR A 87 22.96 -6.08 7.61
N SER A 88 22.94 -5.94 6.29
CA SER A 88 24.01 -5.29 5.52
C SER A 88 23.47 -4.91 4.14
N GLU A 89 24.24 -4.09 3.44
CA GLU A 89 23.98 -3.74 2.05
C GLU A 89 24.64 -4.76 1.15
N THR A 90 23.95 -5.21 0.11
CA THR A 90 24.53 -6.18 -0.81
C THR A 90 25.62 -5.59 -1.70
N PRO A 91 26.35 -6.47 -2.38
CA PRO A 91 27.18 -6.09 -3.53
C PRO A 91 26.35 -5.42 -4.63
N ARG A 92 27.03 -4.72 -5.54
CA ARG A 92 26.35 -3.93 -6.53
C ARG A 92 26.23 -4.70 -7.85
N VAL A 93 25.11 -4.47 -8.53
CA VAL A 93 24.82 -5.03 -9.84
C VAL A 93 24.95 -3.92 -10.88
N VAL A 94 25.55 -4.22 -12.03
CA VAL A 94 25.72 -3.20 -13.08
C VAL A 94 24.47 -3.12 -13.96
N TYR A 95 24.02 -1.89 -14.24
CA TYR A 95 22.98 -1.65 -15.24
C TYR A 95 23.66 -0.85 -16.36
N ASN A 96 23.62 -1.42 -17.57
CA ASN A 96 24.36 -0.89 -18.71
C ASN A 96 23.53 -0.87 -20.01
N SER A 97 22.21 -0.81 -19.90
CA SER A 97 21.34 -0.74 -21.07
C SER A 97 20.12 0.16 -20.83
N ARG A 98 19.68 0.83 -21.87
CA ARG A 98 18.40 1.55 -21.86
C ARG A 98 17.22 0.57 -21.83
N THR A 99 17.45 -0.68 -22.22
CA THR A 99 16.39 -1.68 -22.19
C THR A 99 16.17 -2.13 -20.76
N ASP A 100 14.92 -2.06 -20.30
CA ASP A 100 14.59 -2.45 -18.93
C ASP A 100 15.04 -3.87 -18.66
N LYS A 101 15.62 -4.10 -17.48
CA LYS A 101 15.86 -5.44 -17.00
C LYS A 101 15.39 -5.56 -15.55
N PRO A 102 15.08 -6.78 -15.11
CA PRO A 102 14.60 -7.00 -13.75
C PRO A 102 15.54 -6.49 -12.67
N TRP A 103 14.97 -6.12 -11.53
CA TRP A 103 15.72 -5.96 -10.31
C TRP A 103 15.69 -7.33 -9.66
N PRO A 104 16.85 -7.98 -9.55
CA PRO A 104 16.82 -9.44 -9.27
C PRO A 104 16.68 -9.78 -7.79
N VAL A 105 15.53 -9.44 -7.20
CA VAL A 105 15.28 -9.64 -5.78
C VAL A 105 14.15 -10.62 -5.58
N ALA A 106 14.32 -11.57 -4.66
CA ALA A 106 13.19 -12.43 -4.27
C ALA A 106 13.26 -12.82 -2.81
N LEU A 107 12.10 -12.88 -2.16
CA LEU A 107 12.01 -13.34 -0.78
C LEU A 107 11.60 -14.81 -0.75
N TYR A 108 12.23 -15.54 0.17
CA TYR A 108 11.92 -16.94 0.44
C TYR A 108 11.54 -17.07 1.92
N LEU A 109 10.24 -17.27 2.16
CA LEU A 109 9.67 -17.15 3.51
C LEU A 109 9.05 -18.47 3.99
N THR A 110 9.47 -18.94 5.16
CA THR A 110 8.95 -20.17 5.75
C THR A 110 8.04 -19.87 6.94
N PRO A 111 6.91 -20.57 7.02
CA PRO A 111 6.08 -20.32 8.23
C PRO A 111 6.79 -20.68 9.55
N VAL A 112 6.60 -19.87 10.58
CA VAL A 112 7.14 -20.18 11.91
C VAL A 112 6.05 -20.89 12.74
N SER A 113 4.98 -20.18 13.04
CA SER A 113 3.88 -20.80 13.81
C SER A 113 2.54 -20.52 13.12
N SER A 114 1.65 -21.53 13.16
CA SER A 114 0.30 -21.38 12.63
C SER A 114 -0.71 -22.21 13.41
N ALA A 115 -1.96 -21.77 13.44
CA ALA A 115 -3.07 -22.59 13.92
C ALA A 115 -4.17 -22.68 12.86
N GLY A 116 -3.80 -22.41 11.61
CA GLY A 116 -4.71 -22.47 10.47
C GLY A 116 -5.34 -21.14 10.05
N GLY A 117 -4.93 -20.05 10.68
CA GLY A 117 -5.54 -18.75 10.43
C GLY A 117 -4.95 -18.02 9.24
N VAL A 118 -5.34 -16.76 9.07
CA VAL A 118 -4.78 -15.94 8.01
C VAL A 118 -3.37 -15.58 8.43
N ALA A 119 -2.39 -15.89 7.59
CA ALA A 119 -0.99 -15.67 7.88
C ALA A 119 -0.51 -14.33 7.31
N ILE A 120 -1.11 -13.94 6.18
CA ILE A 120 -0.83 -12.67 5.49
C ILE A 120 -2.17 -12.14 4.99
N LYS A 121 -2.48 -10.88 5.33
CA LYS A 121 -3.75 -10.25 4.98
C LYS A 121 -3.64 -9.43 3.69
N ALA A 122 -4.57 -9.65 2.75
CA ALA A 122 -4.61 -8.85 1.53
C ALA A 122 -4.61 -7.37 1.84
N GLY A 123 -3.81 -6.62 1.09
CA GLY A 123 -3.76 -5.17 1.21
C GLY A 123 -2.79 -4.66 2.28
N SER A 124 -2.19 -5.57 3.04
CA SER A 124 -1.30 -5.15 4.13
C SER A 124 0.13 -4.94 3.62
N LEU A 125 0.86 -4.00 4.23
CA LEU A 125 2.30 -3.87 4.01
C LEU A 125 3.03 -5.09 4.56
N ILE A 126 3.85 -5.75 3.72
CA ILE A 126 4.62 -6.91 4.17
C ILE A 126 6.12 -6.74 4.07
N ALA A 127 6.58 -5.78 3.27
CA ALA A 127 8.02 -5.50 3.18
C ALA A 127 8.29 -4.12 2.62
N VAL A 128 9.45 -3.56 2.97
CA VAL A 128 9.98 -2.36 2.34
C VAL A 128 11.38 -2.71 1.85
N LEU A 129 11.60 -2.50 0.56
CA LEU A 129 12.84 -2.90 -0.07
C LEU A 129 13.46 -1.66 -0.67
N ILE A 130 14.68 -1.36 -0.27
CA ILE A 130 15.36 -0.15 -0.77
C ILE A 130 16.43 -0.47 -1.78
N LEU A 131 16.27 0.13 -2.95
CA LEU A 131 17.22 -0.03 -4.02
C LEU A 131 18.10 1.24 -4.01
N ARG A 132 19.41 1.07 -3.90
CA ARG A 132 20.34 2.20 -3.93
C ARG A 132 21.11 2.26 -5.23
N GLN A 133 21.06 3.41 -5.91
CA GLN A 133 21.70 3.56 -7.20
C GLN A 133 22.76 4.61 -7.20
N THR A 134 23.93 4.23 -7.71
CA THR A 134 25.07 5.13 -7.93
C THR A 134 25.57 4.92 -9.37
N ASN A 135 26.72 5.51 -9.73
CA ASN A 135 27.26 5.38 -11.07
C ASN A 135 28.76 5.66 -11.07
N ASN A 136 29.37 5.58 -12.24
CA ASN A 136 30.81 5.85 -12.38
C ASN A 136 31.09 7.23 -13.00
N TYR A 137 30.13 8.16 -12.90
CA TYR A 137 30.22 9.44 -13.62
C TYR A 137 30.20 10.65 -12.70
N ASN A 138 29.35 10.61 -11.68
CA ASN A 138 29.25 11.72 -10.73
C ASN A 138 28.92 11.23 -9.33
N SER A 139 28.46 12.14 -8.48
CA SER A 139 28.26 11.83 -7.07
C SER A 139 26.84 11.38 -6.77
N ASP A 140 26.04 11.05 -7.78
CA ASP A 140 24.67 10.65 -7.55
C ASP A 140 24.54 9.45 -6.60
N ASP A 141 23.62 9.55 -5.66
CA ASP A 141 23.38 8.49 -4.70
C ASP A 141 21.89 8.51 -4.32
N PHE A 142 21.11 7.64 -4.95
CA PHE A 142 19.67 7.78 -4.97
C PHE A 142 19.00 6.55 -4.44
N GLN A 143 17.88 6.75 -3.73
CA GLN A 143 17.12 5.64 -3.19
C GLN A 143 15.78 5.49 -3.87
N PHE A 144 15.55 4.26 -4.32
CA PHE A 144 14.29 3.83 -4.91
C PHE A 144 13.62 2.89 -3.92
N VAL A 145 12.50 3.32 -3.34
CA VAL A 145 11.89 2.65 -2.19
C VAL A 145 10.64 1.91 -2.63
N TRP A 146 10.68 0.60 -2.48
CA TRP A 146 9.59 -0.27 -2.93
C TRP A 146 8.80 -0.77 -1.72
N ASN A 147 7.58 -0.26 -1.60
CA ASN A 147 6.68 -0.65 -0.52
C ASN A 147 5.86 -1.83 -1.03
N ILE A 148 6.05 -2.99 -0.40
CA ILE A 148 5.50 -4.24 -0.90
C ILE A 148 4.25 -4.59 -0.13
N TYR A 149 3.15 -4.73 -0.86
CA TYR A 149 1.84 -5.04 -0.27
C TYR A 149 1.36 -6.39 -0.75
N ALA A 150 0.73 -7.16 0.12
CA ALA A 150 0.12 -8.41 -0.29
C ALA A 150 -1.09 -8.17 -1.18
N ASN A 151 -1.15 -8.85 -2.32
CA ASN A 151 -2.33 -8.71 -3.15
C ASN A 151 -3.49 -9.58 -2.71
N ASN A 152 -3.23 -10.58 -1.87
CA ASN A 152 -4.25 -11.56 -1.49
C ASN A 152 -3.90 -12.16 -0.15
N ASP A 153 -4.87 -12.80 0.50
CA ASP A 153 -4.61 -13.53 1.73
C ASP A 153 -3.75 -14.76 1.48
N VAL A 154 -2.98 -15.13 2.51
CA VAL A 154 -2.25 -16.39 2.54
C VAL A 154 -2.63 -17.12 3.84
N VAL A 155 -2.92 -18.41 3.71
CA VAL A 155 -3.24 -19.25 4.86
C VAL A 155 -2.19 -20.33 4.99
N VAL A 156 -1.81 -20.63 6.24
CA VAL A 156 -0.94 -21.74 6.54
C VAL A 156 -1.76 -22.79 7.29
N PRO A 157 -2.27 -23.81 6.57
CA PRO A 157 -3.11 -24.83 7.22
C PRO A 157 -2.34 -25.67 8.23
N THR A 158 -3.07 -26.18 9.21
CA THR A 158 -2.55 -27.13 10.21
C THR A 158 -3.60 -28.21 10.50
N PHE B 1 -9.99 -20.37 -22.55
CA PHE B 1 -10.00 -18.92 -22.21
C PHE B 1 -9.61 -18.73 -20.75
N ALA B 2 -8.64 -17.83 -20.53
CA ALA B 2 -8.15 -17.56 -19.19
C ALA B 2 -7.62 -16.13 -19.15
N CYS B 3 -7.46 -15.61 -17.95
CA CYS B 3 -7.03 -14.22 -17.75
C CYS B 3 -5.90 -14.12 -16.73
N LYS B 4 -5.21 -12.98 -16.77
CA LYS B 4 -4.22 -12.68 -15.74
C LYS B 4 -4.11 -11.16 -15.56
N THR B 5 -3.65 -10.77 -14.38
CA THR B 5 -3.46 -9.34 -14.07
C THR B 5 -2.01 -8.97 -14.29
N ALA B 6 -1.70 -7.71 -14.13
CA ALA B 6 -0.37 -7.24 -14.46
C ALA B 6 0.67 -7.80 -13.51
N ASN B 7 0.28 -8.14 -12.28
CA ASN B 7 1.23 -8.73 -11.34
C ASN B 7 1.28 -10.26 -11.42
N GLY B 8 0.57 -10.84 -12.40
CA GLY B 8 0.63 -12.27 -12.68
C GLY B 8 -0.44 -13.13 -12.03
N THR B 9 -1.36 -12.51 -11.30
CA THR B 9 -2.49 -13.25 -10.73
C THR B 9 -3.31 -13.86 -11.87
N ALA B 10 -3.51 -15.17 -11.85
CA ALA B 10 -4.10 -15.87 -12.98
C ALA B 10 -5.42 -16.54 -12.60
N ILE B 11 -6.42 -16.41 -13.46
CA ILE B 11 -7.66 -17.17 -13.33
C ILE B 11 -7.71 -18.07 -14.53
N PRO B 12 -7.73 -19.39 -14.31
CA PRO B 12 -7.63 -20.28 -15.47
C PRO B 12 -8.98 -20.62 -16.10
N ILE B 13 -8.99 -21.61 -17.00
CA ILE B 13 -10.22 -22.03 -17.65
C ILE B 13 -11.30 -22.28 -16.62
N GLY B 14 -12.50 -21.83 -16.92
CA GLY B 14 -13.64 -22.09 -16.06
C GLY B 14 -13.95 -20.99 -15.06
N GLY B 15 -13.11 -19.96 -14.98
CA GLY B 15 -13.45 -18.79 -14.18
C GLY B 15 -13.01 -18.82 -12.73
N GLY B 16 -13.45 -17.80 -11.99
CA GLY B 16 -12.96 -17.57 -10.66
C GLY B 16 -12.90 -16.08 -10.38
N SER B 17 -12.03 -15.69 -9.46
N SER B 17 -12.03 -15.70 -9.43
CA SER B 17 -11.94 -14.29 -9.05
CA SER B 17 -11.94 -14.33 -8.95
C SER B 17 -10.52 -13.89 -8.69
C SER B 17 -10.50 -13.90 -8.75
N ALA B 18 -10.26 -12.59 -8.75
CA ALA B 18 -8.95 -12.04 -8.42
C ALA B 18 -9.07 -10.60 -7.93
N ASN B 19 -8.07 -10.17 -7.17
CA ASN B 19 -7.98 -8.79 -6.71
C ASN B 19 -7.13 -7.90 -7.62
N VAL B 20 -7.54 -6.63 -7.78
CA VAL B 20 -6.71 -5.61 -8.42
C VAL B 20 -6.72 -4.36 -7.59
N TYR B 21 -5.53 -3.92 -7.14
CA TYR B 21 -5.39 -2.65 -6.43
C TYR B 21 -4.98 -1.61 -7.46
N VAL B 22 -5.77 -0.54 -7.60
CA VAL B 22 -5.56 0.43 -8.69
C VAL B 22 -5.11 1.79 -8.18
N ASN B 23 -4.20 2.39 -8.93
CA ASN B 23 -3.76 3.73 -8.64
C ASN B 23 -4.83 4.73 -9.00
N LEU B 24 -5.06 5.69 -8.11
CA LEU B 24 -6.09 6.69 -8.32
C LEU B 24 -5.52 8.08 -8.14
N ALA B 25 -5.94 8.99 -9.01
CA ALA B 25 -5.55 10.40 -8.89
C ALA B 25 -5.87 10.86 -7.47
N PRO B 26 -4.91 11.51 -6.78
CA PRO B 26 -5.14 11.75 -5.35
C PRO B 26 -6.16 12.82 -5.00
N VAL B 27 -6.41 13.74 -5.93
CA VAL B 27 -7.35 14.82 -5.67
C VAL B 27 -8.20 15.01 -6.92
N VAL B 28 -9.50 15.16 -6.70
N VAL B 28 -9.50 15.13 -6.71
CA VAL B 28 -10.47 15.27 -7.79
CA VAL B 28 -10.44 15.30 -7.82
C VAL B 28 -11.53 16.28 -7.41
C VAL B 28 -11.52 16.29 -7.41
N ASN B 29 -11.71 17.31 -8.23
CA ASN B 29 -12.73 18.33 -7.95
C ASN B 29 -14.12 17.91 -8.36
N VAL B 30 -15.13 18.47 -7.70
CA VAL B 30 -16.49 18.41 -8.21
C VAL B 30 -16.41 18.91 -9.65
N GLY B 31 -17.03 18.15 -10.57
CA GLY B 31 -17.06 18.50 -11.99
C GLY B 31 -15.95 17.87 -12.82
N GLN B 32 -14.98 17.26 -12.15
CA GLN B 32 -13.82 16.61 -12.78
C GLN B 32 -13.96 15.07 -12.79
N ASN B 33 -13.47 14.46 -13.88
CA ASN B 33 -13.42 13.01 -13.98
C ASN B 33 -12.25 12.37 -13.25
N LEU B 34 -12.55 11.32 -12.51
CA LEU B 34 -11.57 10.37 -11.99
C LEU B 34 -11.57 9.16 -12.91
N VAL B 35 -10.45 8.87 -13.55
CA VAL B 35 -10.37 7.76 -14.51
C VAL B 35 -9.74 6.52 -13.89
N VAL B 36 -10.46 5.38 -13.98
CA VAL B 36 -9.93 4.11 -13.48
C VAL B 36 -9.80 3.15 -14.64
N ASP B 37 -8.60 3.09 -15.24
CA ASP B 37 -8.38 2.29 -16.45
C ASP B 37 -7.91 0.87 -16.09
N LEU B 38 -8.71 -0.13 -16.42
CA LEU B 38 -8.32 -1.50 -16.12
C LEU B 38 -7.65 -2.18 -17.31
N SER B 39 -7.56 -1.51 -18.46
CA SER B 39 -6.95 -2.15 -19.64
C SER B 39 -5.43 -2.38 -19.47
N THR B 40 -4.84 -1.78 -18.45
CA THR B 40 -3.42 -1.93 -18.16
C THR B 40 -3.21 -2.95 -17.05
N GLN B 41 -4.33 -3.49 -16.55
CA GLN B 41 -4.35 -4.29 -15.32
C GLN B 41 -4.92 -5.69 -15.52
N ILE B 42 -5.78 -5.87 -16.51
CA ILE B 42 -6.48 -7.13 -16.75
C ILE B 42 -6.35 -7.53 -18.20
N PHE B 43 -5.91 -8.79 -18.41
CA PHE B 43 -5.61 -9.32 -19.73
C PHE B 43 -6.13 -10.73 -19.87
N CYS B 44 -6.56 -11.10 -21.09
CA CYS B 44 -7.10 -12.43 -21.34
C CYS B 44 -6.67 -12.99 -22.69
N HIS B 45 -6.77 -14.30 -22.85
CA HIS B 45 -6.49 -14.95 -24.14
C HIS B 45 -7.42 -16.14 -24.42
N ASN B 46 -7.45 -16.54 -25.69
CA ASN B 46 -8.18 -17.71 -26.21
C ASN B 46 -7.25 -18.92 -26.22
N ASP B 47 -7.71 -20.06 -25.70
CA ASP B 47 -6.86 -21.26 -25.61
C ASP B 47 -6.99 -22.23 -26.81
N TYR B 48 -7.83 -21.91 -27.79
CA TYR B 48 -8.01 -22.77 -28.98
C TYR B 48 -8.46 -21.95 -30.20
N PRO B 49 -7.69 -20.90 -30.53
CA PRO B 49 -8.15 -19.91 -31.51
C PRO B 49 -8.19 -20.43 -32.93
N GLU B 50 -7.63 -21.60 -33.16
CA GLU B 50 -7.68 -22.18 -34.50
C GLU B 50 -9.11 -22.63 -34.84
N THR B 51 -9.92 -22.90 -33.81
CA THR B 51 -11.27 -23.41 -33.99
C THR B 51 -12.32 -22.53 -33.32
N ILE B 52 -11.97 -21.98 -32.16
CA ILE B 52 -12.96 -21.30 -31.30
C ILE B 52 -12.75 -19.81 -31.29
N THR B 53 -13.86 -19.07 -31.39
CA THR B 53 -13.89 -17.64 -31.14
C THR B 53 -14.52 -17.43 -29.77
N ASP B 54 -13.78 -16.74 -28.89
CA ASP B 54 -14.32 -16.43 -27.56
C ASP B 54 -15.01 -15.08 -27.56
N TYR B 55 -16.15 -15.00 -26.85
CA TYR B 55 -16.91 -13.74 -26.67
C TYR B 55 -16.91 -13.27 -25.22
N VAL B 56 -16.66 -11.99 -25.00
CA VAL B 56 -16.43 -11.43 -23.66
C VAL B 56 -17.15 -10.12 -23.48
N THR B 57 -17.95 -10.08 -22.43
CA THR B 57 -18.69 -8.89 -22.05
C THR B 57 -18.36 -8.48 -20.65
N LEU B 58 -18.72 -7.25 -20.32
CA LEU B 58 -18.85 -6.83 -18.95
C LEU B 58 -20.29 -7.10 -18.63
N GLN B 59 -20.55 -8.15 -17.88
CA GLN B 59 -21.93 -8.52 -17.56
C GLN B 59 -22.54 -7.59 -16.53
N ARG B 60 -21.74 -7.17 -15.56
CA ARG B 60 -22.19 -6.32 -14.48
C ARG B 60 -21.01 -5.60 -13.89
N GLY B 61 -21.24 -4.34 -13.55
CA GLY B 61 -20.29 -3.57 -12.77
C GLY B 61 -21.03 -2.90 -11.63
N SER B 62 -20.53 -3.13 -10.43
CA SER B 62 -21.14 -2.66 -9.20
C SER B 62 -20.15 -1.76 -8.49
N ALA B 63 -20.67 -0.74 -7.82
CA ALA B 63 -19.90 0.22 -7.04
C ALA B 63 -20.00 -0.09 -5.56
N TYR B 64 -18.93 0.19 -4.83
CA TYR B 64 -18.88 -0.02 -3.39
C TYR B 64 -18.19 1.14 -2.69
N GLY B 65 -18.40 1.24 -1.38
CA GLY B 65 -17.68 2.19 -0.57
C GLY B 65 -17.82 3.62 -1.02
N GLY B 66 -16.70 4.29 -1.11
CA GLY B 66 -16.69 5.70 -1.43
C GLY B 66 -17.15 6.00 -2.86
N VAL B 67 -16.93 5.07 -3.78
CA VAL B 67 -17.39 5.27 -5.16
C VAL B 67 -18.91 5.24 -5.17
N LEU B 68 -19.47 4.26 -4.46
CA LEU B 68 -20.91 4.15 -4.35
C LEU B 68 -21.52 5.39 -3.69
N SER B 69 -20.91 5.89 -2.60
CA SER B 69 -21.53 7.00 -1.88
C SER B 69 -21.22 8.40 -2.45
N ASN B 70 -20.05 8.58 -3.06
CA ASN B 70 -19.56 9.93 -3.37
C ASN B 70 -19.37 10.27 -4.85
N PHE B 71 -19.65 9.31 -5.73
CA PHE B 71 -19.39 9.48 -7.17
C PHE B 71 -20.56 9.04 -8.01
N SER B 72 -20.61 9.55 -9.23
CA SER B 72 -21.50 9.03 -10.25
C SER B 72 -20.63 8.81 -11.46
N GLY B 73 -21.14 8.14 -12.47
CA GLY B 73 -20.35 8.06 -13.67
C GLY B 73 -20.75 7.05 -14.70
N THR B 74 -19.77 6.68 -15.51
CA THR B 74 -19.96 5.77 -16.61
C THR B 74 -18.82 4.75 -16.66
N VAL B 75 -19.06 3.67 -17.41
CA VAL B 75 -18.02 2.74 -17.75
C VAL B 75 -17.89 2.73 -19.28
N LYS B 76 -16.65 2.79 -19.74
CA LYS B 76 -16.34 2.73 -21.16
C LYS B 76 -15.84 1.33 -21.45
N TYR B 77 -16.52 0.63 -22.35
CA TYR B 77 -16.12 -0.72 -22.75
C TYR B 77 -15.89 -0.78 -24.27
N SER B 78 -14.65 -1.05 -24.67
CA SER B 78 -14.32 -1.19 -26.09
C SER B 78 -14.88 -0.02 -26.91
N GLY B 79 -14.73 1.18 -26.37
CA GLY B 79 -14.97 2.37 -27.15
C GLY B 79 -16.35 3.00 -27.07
N SER B 80 -17.23 2.43 -26.24
CA SER B 80 -18.58 2.96 -26.03
C SER B 80 -18.85 3.09 -24.55
N SER B 81 -19.69 4.06 -24.16
CA SER B 81 -19.96 4.33 -22.74
C SER B 81 -21.37 3.94 -22.31
N TYR B 82 -21.46 3.48 -21.05
CA TYR B 82 -22.69 2.99 -20.42
C TYR B 82 -22.73 3.50 -18.97
N PRO B 83 -23.91 3.51 -18.36
CA PRO B 83 -24.02 3.91 -16.96
C PRO B 83 -23.17 3.02 -16.06
N PHE B 84 -22.55 3.59 -15.04
CA PHE B 84 -21.93 2.83 -13.95
C PHE B 84 -22.39 3.39 -12.61
N PRO B 85 -22.92 2.55 -11.70
CA PRO B 85 -23.16 1.10 -11.77
C PRO B 85 -23.97 0.71 -13.00
N THR B 86 -23.74 -0.48 -13.51
CA THR B 86 -24.36 -0.87 -14.79
C THR B 86 -25.83 -1.27 -14.62
N THR B 87 -26.54 -1.21 -15.75
CA THR B 87 -27.97 -1.51 -15.81
C THR B 87 -28.27 -2.47 -16.96
N SER B 88 -27.23 -2.93 -17.64
CA SER B 88 -27.35 -3.95 -18.68
C SER B 88 -25.97 -4.56 -18.97
N GLU B 89 -25.96 -5.70 -19.66
CA GLU B 89 -24.75 -6.28 -20.20
C GLU B 89 -24.27 -5.59 -21.48
N THR B 90 -22.97 -5.41 -21.61
CA THR B 90 -22.40 -4.74 -22.77
C THR B 90 -22.41 -5.64 -24.01
N PRO B 91 -22.12 -5.05 -25.16
CA PRO B 91 -21.73 -5.84 -26.34
C PRO B 91 -20.49 -6.68 -26.06
N ARG B 92 -20.21 -7.63 -26.94
N ARG B 92 -20.22 -7.63 -26.97
CA ARG B 92 -19.08 -8.54 -26.78
CA ARG B 92 -19.08 -8.52 -26.88
C ARG B 92 -17.82 -8.02 -27.48
C ARG B 92 -17.80 -7.90 -27.44
N VAL B 93 -16.68 -8.34 -26.88
CA VAL B 93 -15.38 -8.16 -27.49
C VAL B 93 -14.92 -9.58 -27.87
N VAL B 94 -14.36 -9.74 -29.06
CA VAL B 94 -13.85 -11.02 -29.51
C VAL B 94 -12.42 -11.28 -29.06
N TYR B 95 -12.17 -12.47 -28.50
CA TYR B 95 -10.78 -12.91 -28.24
C TYR B 95 -10.46 -14.08 -29.16
N ASN B 96 -9.38 -13.93 -29.96
CA ASN B 96 -9.09 -14.85 -31.05
C ASN B 96 -7.61 -15.15 -31.22
N SER B 97 -6.89 -15.10 -30.11
CA SER B 97 -5.46 -15.28 -30.09
C SER B 97 -5.05 -15.83 -28.74
N ARG B 98 -4.01 -16.66 -28.75
CA ARG B 98 -3.38 -17.13 -27.54
C ARG B 98 -2.58 -16.05 -26.82
N THR B 99 -2.22 -14.99 -27.53
CA THR B 99 -1.48 -13.91 -26.92
C THR B 99 -2.42 -13.03 -26.10
N ASP B 100 -2.07 -12.79 -24.84
CA ASP B 100 -2.93 -12.00 -23.96
C ASP B 100 -3.18 -10.65 -24.61
N LYS B 101 -4.39 -10.14 -24.42
CA LYS B 101 -4.68 -8.77 -24.81
C LYS B 101 -5.57 -8.15 -23.73
N PRO B 102 -5.54 -6.82 -23.60
CA PRO B 102 -6.28 -6.18 -22.53
C PRO B 102 -7.77 -6.44 -22.56
N TRP B 103 -8.37 -6.36 -21.38
CA TRP B 103 -9.81 -6.25 -21.22
C TRP B 103 -10.13 -4.77 -21.24
N PRO B 104 -10.80 -4.27 -22.30
CA PRO B 104 -10.86 -2.81 -22.49
C PRO B 104 -11.93 -2.11 -21.68
N VAL B 105 -11.74 -2.08 -20.36
CA VAL B 105 -12.70 -1.50 -19.43
C VAL B 105 -12.09 -0.30 -18.73
N ALA B 106 -12.80 0.83 -18.68
CA ALA B 106 -12.38 1.96 -17.89
C ALA B 106 -13.56 2.66 -17.23
N LEU B 107 -13.39 3.06 -15.97
CA LEU B 107 -14.41 3.82 -15.26
C LEU B 107 -14.14 5.32 -15.35
N TYR B 108 -15.18 6.08 -15.64
CA TYR B 108 -15.13 7.54 -15.60
C TYR B 108 -16.07 8.07 -14.51
N LEU B 109 -15.49 8.47 -13.39
CA LEU B 109 -16.24 8.77 -12.17
C LEU B 109 -16.11 10.23 -11.78
N THR B 110 -17.20 10.88 -11.42
CA THR B 110 -17.10 12.28 -11.05
C THR B 110 -17.78 12.48 -9.70
N PRO B 111 -17.20 13.31 -8.82
CA PRO B 111 -17.81 13.45 -7.50
C PRO B 111 -19.24 14.03 -7.54
N VAL B 112 -20.10 13.54 -6.66
CA VAL B 112 -21.45 14.09 -6.54
C VAL B 112 -21.33 15.48 -5.91
N SER B 113 -22.37 16.30 -6.09
CA SER B 113 -22.30 17.70 -5.70
C SER B 113 -22.02 17.89 -4.21
N SER B 114 -22.43 16.92 -3.38
CA SER B 114 -22.23 17.02 -1.94
C SER B 114 -20.93 16.41 -1.44
N ALA B 115 -20.08 15.95 -2.37
CA ALA B 115 -18.83 15.28 -1.97
C ALA B 115 -17.77 16.25 -1.42
N GLY B 116 -16.92 15.75 -0.52
CA GLY B 116 -15.86 16.56 0.05
C GLY B 116 -15.08 15.79 1.09
N GLY B 117 -13.79 16.07 1.19
CA GLY B 117 -12.95 15.39 2.13
C GLY B 117 -12.43 14.11 1.48
N VAL B 118 -12.08 13.13 2.31
CA VAL B 118 -11.69 11.82 1.80
C VAL B 118 -12.92 11.09 1.23
N ALA B 119 -12.94 10.94 -0.10
CA ALA B 119 -14.10 10.43 -0.84
C ALA B 119 -13.93 8.95 -1.21
N ILE B 120 -12.69 8.51 -1.27
CA ILE B 120 -12.35 7.11 -1.45
C ILE B 120 -11.22 6.79 -0.49
N LYS B 121 -11.40 5.77 0.35
CA LYS B 121 -10.38 5.37 1.32
C LYS B 121 -9.40 4.34 0.77
N ALA B 122 -8.11 4.53 1.01
CA ALA B 122 -7.07 3.58 0.62
C ALA B 122 -7.38 2.18 1.12
N GLY B 123 -7.19 1.19 0.24
CA GLY B 123 -7.39 -0.19 0.62
C GLY B 123 -8.84 -0.67 0.51
N SER B 124 -9.78 0.24 0.29
CA SER B 124 -11.19 -0.15 0.24
C SER B 124 -11.62 -0.69 -1.14
N LEU B 125 -12.64 -1.56 -1.12
CA LEU B 125 -13.32 -2.03 -2.32
C LEU B 125 -14.07 -0.89 -2.99
N ILE B 126 -13.77 -0.61 -4.26
CA ILE B 126 -14.46 0.44 -4.99
C ILE B 126 -15.39 -0.10 -6.06
N ALA B 127 -15.11 -1.31 -6.56
CA ALA B 127 -15.92 -1.92 -7.62
C ALA B 127 -15.77 -3.44 -7.69
N VAL B 128 -16.78 -4.11 -8.24
CA VAL B 128 -16.69 -5.52 -8.61
C VAL B 128 -17.14 -5.59 -10.06
N LEU B 129 -16.25 -6.04 -10.92
CA LEU B 129 -16.53 -6.11 -12.35
C LEU B 129 -16.58 -7.57 -12.79
N ILE B 130 -17.70 -7.99 -13.39
CA ILE B 130 -17.88 -9.36 -13.84
C ILE B 130 -17.66 -9.48 -15.33
N LEU B 131 -16.59 -10.18 -15.69
CA LEU B 131 -16.30 -10.51 -17.07
C LEU B 131 -17.00 -11.83 -17.37
N ARG B 132 -17.86 -11.83 -18.40
CA ARG B 132 -18.60 -13.02 -18.82
C ARG B 132 -18.06 -13.53 -20.14
N GLN B 133 -17.63 -14.79 -20.17
CA GLN B 133 -17.05 -15.40 -21.35
C GLN B 133 -17.91 -16.55 -21.87
N THR B 134 -18.23 -16.43 -23.16
CA THR B 134 -18.93 -17.47 -23.93
C THR B 134 -18.11 -17.69 -25.21
N ASN B 135 -18.62 -18.48 -26.15
CA ASN B 135 -17.89 -18.75 -27.38
C ASN B 135 -18.83 -19.15 -28.50
N ASN B 136 -18.26 -19.47 -29.67
CA ASN B 136 -19.02 -19.92 -30.83
C ASN B 136 -18.89 -21.42 -31.08
N TYR B 137 -18.71 -22.18 -30.01
CA TYR B 137 -18.37 -23.60 -30.10
C TYR B 137 -19.31 -24.47 -29.27
N ASN B 138 -19.41 -24.20 -27.97
CA ASN B 138 -20.18 -25.03 -27.07
C ASN B 138 -21.01 -24.15 -26.14
N SER B 139 -21.51 -24.71 -25.05
CA SER B 139 -22.44 -23.98 -24.18
C SER B 139 -21.75 -23.30 -22.99
N ASP B 140 -20.43 -23.18 -23.04
CA ASP B 140 -19.68 -22.60 -21.92
C ASP B 140 -20.12 -21.16 -21.65
N ASP B 141 -20.15 -20.81 -20.37
CA ASP B 141 -20.65 -19.53 -19.91
C ASP B 141 -20.04 -19.33 -18.51
N PHE B 142 -18.91 -18.61 -18.49
CA PHE B 142 -18.07 -18.51 -17.29
C PHE B 142 -17.85 -17.07 -16.85
N GLN B 143 -17.74 -16.89 -15.55
CA GLN B 143 -17.56 -15.57 -14.95
C GLN B 143 -16.15 -15.42 -14.36
N PHE B 144 -15.50 -14.32 -14.72
CA PHE B 144 -14.20 -13.97 -14.21
C PHE B 144 -14.46 -12.70 -13.40
N VAL B 145 -14.39 -12.79 -12.08
CA VAL B 145 -14.85 -11.73 -11.18
C VAL B 145 -13.66 -10.93 -10.65
N TRP B 146 -13.65 -9.63 -10.96
CA TRP B 146 -12.54 -8.76 -10.65
C TRP B 146 -12.90 -7.80 -9.51
N ASN B 147 -12.22 -7.96 -8.38
CA ASN B 147 -12.47 -7.15 -7.20
C ASN B 147 -11.47 -6.00 -7.16
N ILE B 148 -11.99 -4.78 -7.31
CA ILE B 148 -11.16 -3.62 -7.56
C ILE B 148 -11.06 -2.83 -6.24
N TYR B 149 -9.83 -2.64 -5.77
CA TYR B 149 -9.52 -1.94 -4.51
C TYR B 149 -8.71 -0.69 -4.79
N ALA B 150 -8.90 0.34 -3.97
CA ALA B 150 -8.13 1.59 -4.09
C ALA B 150 -6.72 1.43 -3.52
N ASN B 151 -5.71 1.84 -4.28
CA ASN B 151 -4.33 1.84 -3.78
C ASN B 151 -4.13 2.93 -2.73
N ASN B 152 -4.87 4.03 -2.89
CA ASN B 152 -4.63 5.25 -2.14
C ASN B 152 -5.92 6.03 -1.88
N ASP B 153 -5.84 7.02 -0.99
CA ASP B 153 -6.95 7.94 -0.73
C ASP B 153 -7.21 8.85 -1.92
N VAL B 154 -8.48 9.20 -2.10
CA VAL B 154 -8.84 10.26 -3.04
C VAL B 154 -9.59 11.32 -2.26
N VAL B 155 -9.11 12.57 -2.34
CA VAL B 155 -9.82 13.68 -1.67
C VAL B 155 -10.49 14.59 -2.69
N VAL B 156 -11.60 15.18 -2.27
CA VAL B 156 -12.36 16.13 -3.06
C VAL B 156 -12.28 17.51 -2.37
N PRO B 157 -11.65 18.48 -3.04
CA PRO B 157 -11.54 19.82 -2.42
C PRO B 157 -12.88 20.49 -2.15
N THR B 158 -12.85 21.41 -1.20
CA THR B 158 -14.01 22.23 -0.89
C THR B 158 -14.33 23.18 -2.03
N PHE C 1 -16.25 12.75 22.92
CA PHE C 1 -14.92 12.13 22.70
C PHE C 1 -13.85 13.15 23.10
N ALA C 2 -12.91 12.72 23.92
CA ALA C 2 -11.83 13.59 24.38
C ALA C 2 -10.64 12.74 24.70
N CYS C 3 -9.47 13.37 24.75
CA CYS C 3 -8.21 12.65 24.91
C CYS C 3 -7.32 13.33 25.94
N LYS C 4 -6.38 12.56 26.48
CA LYS C 4 -5.34 13.13 27.31
C LYS C 4 -4.02 12.37 27.18
N THR C 5 -2.96 12.99 27.68
CA THR C 5 -1.64 12.40 27.61
C THR C 5 -1.18 11.95 28.96
N ALA C 6 -0.12 11.17 28.98
CA ALA C 6 0.45 10.70 30.24
C ALA C 6 1.19 11.82 30.97
N ASN C 7 1.62 12.84 30.23
CA ASN C 7 2.35 13.97 30.81
C ASN C 7 1.39 15.10 31.19
N GLY C 8 0.10 14.78 31.32
CA GLY C 8 -0.84 15.69 31.94
C GLY C 8 -1.64 16.63 31.05
N THR C 9 -1.37 16.68 29.75
CA THR C 9 -2.12 17.57 28.86
C THR C 9 -3.43 16.90 28.36
N ALA C 10 -4.39 17.73 27.95
CA ALA C 10 -5.70 17.25 27.47
C ALA C 10 -6.06 17.94 26.16
N ILE C 11 -6.90 17.29 25.36
CA ILE C 11 -7.57 17.95 24.25
C ILE C 11 -9.04 17.62 24.42
N PRO C 12 -9.89 18.64 24.53
CA PRO C 12 -11.29 18.35 24.82
C PRO C 12 -12.14 18.04 23.60
N ILE C 13 -13.41 17.81 23.84
CA ILE C 13 -14.39 17.67 22.78
C ILE C 13 -14.20 18.74 21.71
N GLY C 14 -14.21 18.33 20.44
CA GLY C 14 -14.03 19.26 19.33
C GLY C 14 -12.60 19.37 18.82
N GLY C 15 -11.65 18.74 19.51
CA GLY C 15 -10.28 18.71 19.02
C GLY C 15 -9.47 19.93 19.42
N GLY C 16 -8.27 20.06 18.82
CA GLY C 16 -7.31 21.08 19.20
C GLY C 16 -5.91 20.48 19.16
N SER C 17 -4.99 21.04 19.93
N SER C 17 -5.00 21.05 19.93
CA SER C 17 -3.62 20.55 19.93
CA SER C 17 -3.61 20.62 19.93
C SER C 17 -3.04 20.47 21.32
C SER C 17 -3.08 20.43 21.35
N ALA C 18 -2.12 19.53 21.48
CA ALA C 18 -1.40 19.36 22.73
C ALA C 18 -0.03 18.81 22.49
N ASN C 19 0.86 19.06 23.44
CA ASN C 19 2.21 18.53 23.40
C ASN C 19 2.34 17.23 24.18
N VAL C 20 3.07 16.28 23.59
CA VAL C 20 3.34 14.98 24.23
C VAL C 20 4.84 14.86 24.43
N TYR C 21 5.27 14.70 25.69
CA TYR C 21 6.69 14.57 26.03
C TYR C 21 7.02 13.12 26.33
N VAL C 22 7.93 12.57 25.55
N VAL C 22 7.95 12.56 25.57
CA VAL C 22 8.24 11.15 25.65
CA VAL C 22 8.23 11.14 25.67
C VAL C 22 9.74 10.92 25.86
C VAL C 22 9.73 10.90 25.85
N ASN C 23 10.06 10.00 26.76
CA ASN C 23 11.43 9.54 26.93
C ASN C 23 11.76 8.66 25.73
N LEU C 24 12.94 8.87 25.13
CA LEU C 24 13.36 8.07 23.97
C LEU C 24 14.57 7.24 24.35
N ALA C 25 14.68 6.05 23.79
CA ALA C 25 15.87 5.26 24.01
C ALA C 25 17.06 6.13 23.62
N PRO C 26 18.08 6.21 24.48
CA PRO C 26 19.13 7.23 24.35
C PRO C 26 20.27 6.92 23.38
N VAL C 27 20.39 5.68 22.95
CA VAL C 27 21.43 5.25 22.01
C VAL C 27 20.83 4.33 20.97
N VAL C 28 21.00 4.66 19.69
N VAL C 28 21.02 4.67 19.70
CA VAL C 28 20.54 3.85 18.59
CA VAL C 28 20.52 3.86 18.59
C VAL C 28 21.61 3.72 17.53
C VAL C 28 21.62 3.72 17.54
N ASN C 29 22.01 2.49 17.23
CA ASN C 29 23.00 2.25 16.19
C ASN C 29 22.37 2.28 14.79
N VAL C 30 23.17 2.67 13.80
CA VAL C 30 22.75 2.50 12.41
C VAL C 30 22.39 1.03 12.22
N GLY C 31 21.28 0.80 11.53
CA GLY C 31 20.81 -0.55 11.27
C GLY C 31 19.86 -1.08 12.32
N GLN C 32 19.72 -0.36 13.43
CA GLN C 32 18.82 -0.76 14.50
C GLN C 32 17.61 0.17 14.55
N ASN C 33 16.50 -0.35 15.08
CA ASN C 33 15.27 0.38 15.16
C ASN C 33 15.09 1.07 16.50
N LEU C 34 14.77 2.35 16.45
CA LEU C 34 14.26 3.08 17.59
C LEU C 34 12.75 3.00 17.54
N VAL C 35 12.12 2.46 18.57
CA VAL C 35 10.69 2.31 18.61
C VAL C 35 10.13 3.20 19.70
N VAL C 36 9.09 3.92 19.34
CA VAL C 36 8.38 4.80 20.26
C VAL C 36 6.91 4.44 20.23
N ASP C 37 6.44 3.78 21.29
CA ASP C 37 5.06 3.34 21.35
C ASP C 37 4.24 4.40 22.09
N LEU C 38 3.42 5.13 21.34
CA LEU C 38 2.68 6.24 21.89
C LEU C 38 1.39 5.80 22.55
N SER C 39 1.08 4.50 22.50
CA SER C 39 -0.17 4.01 23.09
C SER C 39 -0.14 4.15 24.60
N THR C 40 1.08 4.23 25.14
CA THR C 40 1.36 4.44 26.56
C THR C 40 1.18 5.93 26.93
N GLN C 41 1.09 6.78 25.91
CA GLN C 41 1.26 8.20 26.10
C GLN C 41 0.02 9.03 25.76
N ILE C 42 -0.87 8.46 24.95
CA ILE C 42 -2.04 9.18 24.43
C ILE C 42 -3.25 8.28 24.59
N PHE C 43 -4.30 8.78 25.26
CA PHE C 43 -5.50 7.97 25.60
C PHE C 43 -6.75 8.77 25.33
N CYS C 44 -7.82 8.06 24.97
CA CYS C 44 -9.07 8.72 24.61
C CYS C 44 -10.26 7.94 25.09
N HIS C 45 -11.40 8.61 25.18
CA HIS C 45 -12.63 7.93 25.56
C HIS C 45 -13.81 8.52 24.83
N ASN C 46 -14.90 7.76 24.87
CA ASN C 46 -16.20 8.08 24.28
C ASN C 46 -17.04 8.69 25.38
N ASP C 47 -17.66 9.83 25.12
CA ASP C 47 -18.42 10.56 26.14
C ASP C 47 -19.91 10.19 26.22
N TYR C 48 -20.39 9.37 25.28
CA TYR C 48 -21.79 8.97 25.26
C TYR C 48 -21.96 7.59 24.63
N PRO C 49 -21.28 6.58 25.21
CA PRO C 49 -21.28 5.27 24.54
C PRO C 49 -22.63 4.55 24.57
N GLU C 50 -23.54 5.02 25.40
CA GLU C 50 -24.91 4.52 25.43
C GLU C 50 -25.55 4.49 24.04
N THR C 51 -25.22 5.46 23.18
CA THR C 51 -25.88 5.59 21.90
C THR C 51 -24.94 5.91 20.73
N ILE C 52 -23.75 6.43 21.04
CA ILE C 52 -22.80 6.84 20.01
C ILE C 52 -21.56 5.95 19.97
N THR C 53 -21.14 5.64 18.74
CA THR C 53 -19.90 4.93 18.44
C THR C 53 -18.92 5.91 17.81
N ASP C 54 -17.74 6.01 18.40
CA ASP C 54 -16.71 6.92 17.91
C ASP C 54 -15.73 6.15 17.03
N TYR C 55 -15.30 6.80 15.95
CA TYR C 55 -14.37 6.23 14.93
C TYR C 55 -13.12 7.07 14.90
N VAL C 56 -11.96 6.42 15.03
CA VAL C 56 -10.70 7.15 15.25
C VAL C 56 -9.61 6.65 14.32
N THR C 57 -9.02 7.57 13.58
CA THR C 57 -7.92 7.24 12.68
C THR C 57 -6.67 8.05 12.98
N LEU C 58 -5.54 7.61 12.40
CA LEU C 58 -4.40 8.47 12.20
C LEU C 58 -4.58 9.11 10.84
N GLN C 59 -4.95 10.38 10.84
CA GLN C 59 -5.18 11.15 9.64
C GLN C 59 -3.88 11.44 8.91
N ARG C 60 -2.86 11.83 9.67
CA ARG C 60 -1.55 12.19 9.09
C ARG C 60 -0.46 12.07 10.12
N GLY C 61 0.73 11.66 9.69
CA GLY C 61 1.92 11.73 10.51
C GLY C 61 3.02 12.44 9.72
N SER C 62 3.59 13.49 10.33
CA SER C 62 4.70 14.26 9.72
C SER C 62 5.91 14.23 10.66
N ALA C 63 7.11 14.16 10.08
CA ALA C 63 8.34 14.12 10.83
C ALA C 63 8.94 15.52 10.94
N TYR C 64 9.58 15.81 12.09
CA TYR C 64 10.27 17.10 12.30
C TYR C 64 11.65 16.91 12.90
N GLY C 65 12.47 17.96 12.81
CA GLY C 65 13.74 18.00 13.53
C GLY C 65 14.69 16.87 13.19
N GLY C 66 15.24 16.25 14.23
CA GLY C 66 16.19 15.18 14.02
C GLY C 66 15.59 13.90 13.44
N VAL C 67 14.30 13.69 13.65
CA VAL C 67 13.67 12.52 13.06
C VAL C 67 13.53 12.69 11.55
N LEU C 68 13.11 13.88 11.12
CA LEU C 68 13.04 14.25 9.70
C LEU C 68 14.41 14.11 9.02
N SER C 69 15.46 14.61 9.65
CA SER C 69 16.76 14.65 9.00
C SER C 69 17.61 13.38 9.15
N ASN C 70 17.47 12.65 10.25
CA ASN C 70 18.40 11.54 10.55
C ASN C 70 17.77 10.13 10.58
N PHE C 71 16.44 10.02 10.40
CA PHE C 71 15.79 8.71 10.47
C PHE C 71 14.86 8.46 9.30
N SER C 72 14.58 7.18 9.07
CA SER C 72 13.51 6.80 8.17
C SER C 72 12.73 5.71 8.84
N GLY C 73 11.50 5.48 8.42
CA GLY C 73 10.77 4.34 8.94
C GLY C 73 9.29 4.27 8.65
N THR C 74 8.56 3.79 9.66
CA THR C 74 7.17 3.42 9.49
C THR C 74 6.40 3.80 10.74
N VAL C 75 5.09 3.83 10.60
CA VAL C 75 4.20 4.00 11.74
C VAL C 75 3.29 2.80 11.75
N LYS C 76 3.13 2.21 12.93
CA LYS C 76 2.21 1.10 13.12
C LYS C 76 0.96 1.59 13.82
N TYR C 77 -0.21 1.35 13.20
CA TYR C 77 -1.49 1.74 13.78
C TYR C 77 -2.39 0.53 13.88
N SER C 78 -2.76 0.20 15.11
CA SER C 78 -3.74 -0.87 15.34
C SER C 78 -3.40 -2.13 14.51
N GLY C 79 -2.15 -2.55 14.56
CA GLY C 79 -1.75 -3.84 14.00
C GLY C 79 -1.23 -3.87 12.58
N SER C 80 -1.22 -2.73 11.92
CA SER C 80 -0.75 -2.66 10.54
C SER C 80 0.24 -1.52 10.38
N SER C 81 1.16 -1.68 9.43
CA SER C 81 2.23 -0.70 9.25
C SER C 81 2.09 0.07 7.94
N TYR C 82 2.62 1.29 7.96
CA TYR C 82 2.52 2.25 6.87
C TYR C 82 3.79 3.06 6.83
N PRO C 83 4.18 3.54 5.63
CA PRO C 83 5.32 4.45 5.61
C PRO C 83 5.08 5.70 6.45
N PHE C 84 6.17 6.20 7.02
CA PHE C 84 6.17 7.44 7.81
C PHE C 84 7.31 8.32 7.31
N PRO C 85 7.03 9.59 6.95
CA PRO C 85 5.77 10.35 6.98
C PRO C 85 4.67 9.70 6.15
N THR C 86 3.41 9.90 6.56
CA THR C 86 2.31 9.17 5.95
C THR C 86 1.88 9.72 4.60
N THR C 87 1.23 8.87 3.82
CA THR C 87 0.68 9.24 2.52
C THR C 87 -0.78 8.87 2.38
N SER C 88 -1.37 8.29 3.42
CA SER C 88 -2.80 8.02 3.45
C SER C 88 -3.25 8.06 4.90
N GLU C 89 -4.56 8.16 5.06
CA GLU C 89 -5.23 8.02 6.37
C GLU C 89 -5.39 6.52 6.67
N THR C 90 -5.21 6.13 7.91
CA THR C 90 -5.43 4.73 8.30
C THR C 90 -6.90 4.35 8.37
N PRO C 91 -7.16 3.03 8.46
CA PRO C 91 -8.45 2.51 8.89
C PRO C 91 -8.82 3.00 10.28
N ARG C 92 -10.07 2.79 10.66
N ARG C 92 -10.08 2.77 10.65
CA ARG C 92 -10.58 3.34 11.92
CA ARG C 92 -10.61 3.24 11.92
C ARG C 92 -10.55 2.35 13.09
C ARG C 92 -10.37 2.32 13.09
N VAL C 93 -10.35 2.91 14.28
CA VAL C 93 -10.44 2.18 15.54
C VAL C 93 -11.70 2.68 16.24
N VAL C 94 -12.46 1.74 16.79
CA VAL C 94 -13.71 2.04 17.49
C VAL C 94 -13.45 2.37 18.95
N TYR C 95 -14.07 3.46 19.43
CA TYR C 95 -14.03 3.83 20.83
C TYR C 95 -15.48 3.79 21.30
N ASN C 96 -15.73 2.97 22.31
CA ASN C 96 -17.10 2.68 22.76
C ASN C 96 -17.25 2.59 24.29
N SER C 97 -16.40 3.32 25.01
CA SER C 97 -16.38 3.32 26.46
C SER C 97 -15.95 4.67 27.00
N ARG C 98 -16.46 5.04 28.17
CA ARG C 98 -15.99 6.21 28.89
C ARG C 98 -14.63 6.00 29.54
N THR C 99 -14.23 4.75 29.67
CA THR C 99 -12.93 4.44 30.25
C THR C 99 -11.88 4.73 29.19
N ASP C 100 -10.89 5.51 29.57
CA ASP C 100 -9.79 5.88 28.67
C ASP C 100 -9.12 4.62 28.15
N LYS C 101 -8.87 4.62 26.85
CA LYS C 101 -8.23 3.52 26.16
C LYS C 101 -7.12 4.08 25.28
N PRO C 102 -6.04 3.31 25.11
CA PRO C 102 -4.88 3.79 24.35
C PRO C 102 -5.18 4.13 22.91
N TRP C 103 -4.41 5.05 22.35
CA TRP C 103 -4.46 5.36 20.92
C TRP C 103 -3.32 4.54 20.33
N PRO C 104 -3.63 3.53 19.50
CA PRO C 104 -2.62 2.50 19.20
C PRO C 104 -1.64 2.87 18.08
N VAL C 105 -0.85 3.90 18.31
CA VAL C 105 0.15 4.41 17.36
C VAL C 105 1.55 4.17 17.90
N ALA C 106 2.45 3.71 17.02
CA ALA C 106 3.85 3.56 17.39
C ALA C 106 4.72 3.87 16.18
N LEU C 107 5.84 4.53 16.44
CA LEU C 107 6.83 4.84 15.41
C LEU C 107 8.02 3.89 15.43
N TYR C 108 8.43 3.47 14.24
CA TYR C 108 9.57 2.59 14.03
C TYR C 108 10.57 3.30 13.14
N LEU C 109 11.67 3.72 13.74
CA LEU C 109 12.60 4.66 13.10
C LEU C 109 13.99 4.09 13.09
N THR C 110 14.68 4.15 11.96
CA THR C 110 16.04 3.64 11.90
C THR C 110 16.96 4.74 11.39
N PRO C 111 18.17 4.87 11.97
CA PRO C 111 19.02 5.97 11.49
C PRO C 111 19.41 5.85 10.02
N VAL C 112 19.48 6.98 9.31
CA VAL C 112 20.00 7.01 7.93
C VAL C 112 21.51 6.81 7.99
N SER C 113 22.13 6.57 6.85
CA SER C 113 23.50 6.07 6.86
C SER C 113 24.51 7.17 7.19
N SER C 114 24.07 8.42 7.09
CA SER C 114 24.93 9.55 7.40
C SER C 114 24.67 10.12 8.81
N ALA C 115 23.98 9.34 9.65
CA ALA C 115 23.65 9.80 11.00
C ALA C 115 24.79 9.51 11.95
N GLY C 116 25.02 10.42 12.88
CA GLY C 116 26.08 10.30 13.88
C GLY C 116 25.98 11.44 14.88
N GLY C 117 26.23 11.16 16.15
CA GLY C 117 26.20 12.18 17.18
C GLY C 117 24.81 12.33 17.77
N VAL C 118 24.49 13.54 18.21
CA VAL C 118 23.15 13.81 18.71
C VAL C 118 22.23 13.92 17.49
N ALA C 119 21.48 12.85 17.26
CA ALA C 119 20.56 12.76 16.12
C ALA C 119 19.17 13.30 16.44
N ILE C 120 18.81 13.37 17.72
CA ILE C 120 17.58 13.99 18.17
C ILE C 120 17.92 14.78 19.41
N LYS C 121 17.60 16.07 19.42
CA LYS C 121 17.90 16.91 20.59
C LYS C 121 16.84 16.85 21.67
N ALA C 122 17.28 16.83 22.92
CA ALA C 122 16.36 16.97 24.05
C ALA C 122 15.45 18.18 23.89
N GLY C 123 14.16 17.99 24.18
CA GLY C 123 13.17 19.07 24.19
C GLY C 123 12.69 19.51 22.83
N SER C 124 13.07 18.79 21.79
CA SER C 124 12.73 19.16 20.41
C SER C 124 11.53 18.42 19.88
N LEU C 125 10.88 19.05 18.91
CA LEU C 125 9.74 18.48 18.21
C LEU C 125 10.22 17.41 17.24
N ILE C 126 9.66 16.20 17.36
CA ILE C 126 10.03 15.11 16.45
C ILE C 126 8.92 14.68 15.47
N ALA C 127 7.67 14.99 15.78
CA ALA C 127 6.57 14.57 14.93
C ALA C 127 5.31 15.36 15.25
N VAL C 128 4.44 15.45 14.26
CA VAL C 128 3.06 15.80 14.49
C VAL C 128 2.23 14.62 14.02
N LEU C 129 1.37 14.12 14.90
CA LEU C 129 0.46 13.04 14.56
C LEU C 129 -0.97 13.54 14.74
N ILE C 130 -1.76 13.53 13.67
CA ILE C 130 -3.13 14.03 13.72
C ILE C 130 -4.08 12.87 13.83
N LEU C 131 -4.87 12.91 14.89
CA LEU C 131 -5.95 11.96 15.14
C LEU C 131 -7.26 12.56 14.62
N ARG C 132 -7.96 11.84 13.74
CA ARG C 132 -9.28 12.27 13.30
C ARG C 132 -10.36 11.44 14.00
N GLN C 133 -11.32 12.14 14.61
CA GLN C 133 -12.47 11.50 15.24
C GLN C 133 -13.77 11.91 14.56
N THR C 134 -14.54 10.90 14.20
CA THR C 134 -15.88 11.02 13.65
C THR C 134 -16.79 10.11 14.49
N ASN C 135 -18.05 9.96 14.09
CA ASN C 135 -18.95 9.08 14.83
C ASN C 135 -20.06 8.54 13.89
N ASN C 136 -20.95 7.73 14.45
CA ASN C 136 -22.09 7.22 13.71
C ASN C 136 -23.41 7.91 14.05
N TYR C 137 -23.32 9.16 14.49
CA TYR C 137 -24.48 9.88 15.02
C TYR C 137 -24.71 11.21 14.33
N ASN C 138 -23.66 12.00 14.12
CA ASN C 138 -23.81 13.29 13.47
C ASN C 138 -22.66 13.57 12.49
N SER C 139 -22.49 14.82 12.08
N SER C 139 -22.50 14.82 12.07
CA SER C 139 -21.45 15.17 11.11
CA SER C 139 -21.48 15.17 11.10
C SER C 139 -20.14 15.62 11.74
C SER C 139 -20.13 15.55 11.72
N ASP C 140 -19.96 15.36 13.03
CA ASP C 140 -18.72 15.75 13.71
C ASP C 140 -17.48 15.18 13.01
N ASP C 141 -16.47 16.02 12.83
CA ASP C 141 -15.23 15.60 12.18
C ASP C 141 -14.16 16.48 12.79
N PHE C 142 -13.46 15.93 13.80
CA PHE C 142 -12.59 16.71 14.68
C PHE C 142 -11.13 16.20 14.58
N GLN C 143 -10.19 17.14 14.60
CA GLN C 143 -8.76 16.88 14.62
C GLN C 143 -8.10 17.09 15.98
N PHE C 144 -7.51 16.02 16.47
CA PHE C 144 -6.74 16.03 17.69
C PHE C 144 -5.26 15.97 17.28
N VAL C 145 -4.57 17.09 17.46
CA VAL C 145 -3.25 17.29 16.84
C VAL C 145 -2.15 17.14 17.90
N TRP C 146 -1.39 16.06 17.82
CA TRP C 146 -0.42 15.75 18.86
C TRP C 146 0.96 16.17 18.40
N ASN C 147 1.54 17.16 19.09
CA ASN C 147 2.92 17.55 18.82
C ASN C 147 3.82 16.71 19.70
N ILE C 148 4.61 15.83 19.09
CA ILE C 148 5.45 14.90 19.84
C ILE C 148 6.86 15.48 20.07
N TYR C 149 7.26 15.57 21.33
CA TYR C 149 8.56 16.07 21.76
C TYR C 149 9.43 15.01 22.39
N ALA C 150 10.74 15.07 22.13
CA ALA C 150 11.71 14.26 22.86
C ALA C 150 12.05 14.83 24.23
N ASN C 151 12.06 13.99 25.25
CA ASN C 151 12.56 14.44 26.55
C ASN C 151 14.08 14.52 26.67
N ASN C 152 14.78 13.83 25.78
CA ASN C 152 16.22 13.63 25.92
C ASN C 152 16.92 13.46 24.59
N ASP C 153 18.24 13.66 24.59
CA ASP C 153 19.07 13.41 23.42
C ASP C 153 18.96 11.96 23.01
N VAL C 154 18.99 11.69 21.71
CA VAL C 154 19.18 10.34 21.18
C VAL C 154 20.48 10.38 20.39
N VAL C 155 21.44 9.52 20.74
CA VAL C 155 22.77 9.51 20.16
C VAL C 155 22.94 8.33 19.23
N VAL C 156 23.48 8.61 18.05
CA VAL C 156 23.85 7.57 17.09
C VAL C 156 25.37 7.45 17.07
N PRO C 157 25.91 6.32 17.55
CA PRO C 157 27.37 6.21 17.65
C PRO C 157 28.04 6.26 16.29
N THR C 158 29.24 6.85 16.24
CA THR C 158 29.94 7.05 14.97
C THR C 158 30.62 5.76 14.56
O3 3XO D . 20.99 8.84 -15.73
C4 3XO D . 23.39 12.31 -18.27
C5 3XO D . 23.09 11.93 -16.97
O4 3XO D . 23.67 7.45 -13.64
C6 3XO D . 23.67 13.21 -21.13
N1 3XO D . 23.40 13.43 -23.70
C7 3XO D . 23.93 13.61 -22.47
C8 3XO D . 25.15 14.36 -22.06
N2 3XO D . 23.15 12.17 -26.24
C9 3XO D . 24.86 13.94 -20.61
O5 3XO D . 22.18 8.90 -11.74
C10 3XO D . 22.23 12.55 -24.00
O6 3XO D . 19.69 8.93 -13.14
C11 3XO D . 22.61 11.52 -25.05
C12 3XO D . 24.31 12.98 -25.87
C13 3XO D . 23.90 14.07 -24.90
O7 3XO D . 21.32 6.07 -15.97
C14 3XO D . 23.54 11.13 -27.27
C15 3XO D . 20.71 10.04 -15.02
O2 3XO D . 25.40 14.15 -19.59
O1 3XO D . 25.97 14.98 -22.63
N 3XO D . 22.67 12.41 -20.60
C3 3XO D . 22.47 12.05 -19.27
C2 3XO D . 21.24 11.42 -18.97
C1 3XO D . 20.97 11.06 -17.64
CL 3XO D . 24.22 12.27 -15.74
C 3XO D . 21.91 11.32 -16.64
O 3XO D . 21.68 11.02 -15.31
C19 3XO D . 20.76 9.80 -13.52
C18 3XO D . 22.11 9.21 -13.13
C17 3XO D . 22.37 7.95 -13.93
C16 3XO D . 22.26 8.24 -15.43
C20 3XO D . 22.37 6.98 -16.26
H6 3XO D . 24.35 12.80 -18.47
H20 3XO D . 24.31 8.11 -13.98
H21 3XO D . 22.11 9.78 -11.25
H8 3XO D . 21.38 13.14 -24.34
H9 3XO D . 21.92 12.06 -23.08
H22 3XO D . 19.91 8.59 -12.23
H11 3XO D . 21.71 10.97 -25.32
H10 3XO D . 23.27 10.78 -24.61
H12 3XO D . 24.71 13.45 -26.77
H13 3XO D . 25.14 12.42 -25.47
H15 3XO D . 23.14 14.72 -25.33
H14 3XO D . 24.76 14.71 -24.67
H25 3XO D . 21.61 5.16 -16.25
H18 3XO D . 22.65 10.64 -27.66
H17 3XO D . 24.11 11.48 -28.12
H16 3XO D . 24.14 10.34 -26.81
H 3XO D . 19.71 10.28 -15.36
H7 3XO D . 22.00 12.07 -21.29
H5 3XO D . 20.51 11.20 -19.74
H4 3XO D . 20.03 10.58 -17.38
H3 3XO D . 20.64 10.75 -13.02
H2 3XO D . 22.89 9.94 -13.36
H1 3XO D . 21.61 7.23 -13.66
H19 3XO D . 23.07 8.91 -15.71
H23 3XO D . 22.27 7.17 -17.33
H24 3XO D . 23.35 6.51 -16.12
S SO4 E . 19.93 13.14 -27.86
O1 SO4 E . 19.97 12.82 -29.31
O2 SO4 E . 18.92 14.21 -27.63
O3 SO4 E . 19.54 11.95 -27.10
O4 SO4 E . 21.25 13.60 -27.37
O3 3XO F . -10.92 -22.72 -23.98
C4 3XO F . -11.09 -27.15 -26.39
C5 3XO F . -11.81 -26.33 -25.53
O4 3XO F . -13.98 -21.17 -25.28
C6 3XO F . -9.34 -29.23 -27.48
N1 3XO F . -7.87 -30.07 -29.35
C7 3XO F . -8.89 -30.07 -28.49
C8 3XO F . -10.02 -31.05 -28.27
N2 3XO F . -5.46 -30.84 -30.19
C9 3XO F . -10.48 -30.14 -27.13
O5 3XO F . -14.74 -21.94 -22.64
C10 3XO F . -6.79 -29.08 -29.17
O6 3XO F . -12.22 -22.03 -21.50
C11 3XO F . -5.49 -29.43 -29.86
C12 3XO F . -6.54 -31.16 -31.12
C13 3XO F . -7.87 -31.10 -30.40
O7 3XO F . -10.61 -20.26 -25.24
C14 3XO F . -4.17 -31.20 -30.78
C15 3XO F . -11.45 -23.68 -23.07
O2 3XO F . -11.35 -30.17 -26.33
O1 3XO F . -10.37 -32.06 -28.80
N 3XO F . -8.88 -28.02 -27.05
C3 3XO F . -9.69 -27.18 -26.25
C2 3XO F . -9.06 -26.40 -25.27
C1 3XO F . -9.82 -25.59 -24.41
CL 3XO F . -13.50 -26.19 -25.68
C 3XO F . -11.20 -25.57 -24.55
O 3XO F . -11.97 -24.85 -23.69
C19 3XO F . -12.65 -23.10 -22.34
C18 3XO F . -13.68 -22.59 -23.34
C17 3XO F . -13.03 -21.61 -24.31
C16 3XO F . -11.85 -22.30 -24.98
C20 3XO F . -11.09 -21.39 -25.93
H6 3XO F . -11.62 -27.74 -27.15
H20 3XO F . -14.13 -21.94 -25.89
H21 3XO F . -14.84 -22.41 -21.77
H8 3XO F . -6.60 -28.92 -28.10
H9 3XO F . -7.17 -28.12 -29.52
H22 3XO F . -11.49 -22.40 -20.95
H11 3XO F . -4.67 -29.19 -29.19
H10 3XO F . -5.35 -28.77 -30.71
H12 3XO F . -6.41 -32.16 -31.51
H13 3XO F . -6.56 -30.52 -32.01
H15 3XO F . -8.11 -32.06 -29.97
H14 3XO F . -8.66 -30.89 -31.12
H25 3XO F . -10.49 -19.52 -25.90
H18 3XO F . -3.65 -30.29 -31.11
H17 3XO F . -3.47 -31.73 -30.12
H16 3XO F . -4.31 -31.81 -31.67
H 3XO F . -10.62 -23.86 -22.39
H7 3XO F . -8.19 -27.58 -27.64
H5 3XO F . -7.98 -26.41 -25.17
H4 3XO F . -9.32 -24.99 -23.65
H3 3XO F . -13.10 -23.88 -21.72
H2 3XO F . -14.09 -23.44 -23.88
H1 3XO F . -12.66 -20.76 -23.73
H19 3XO F . -12.21 -23.16 -25.56
H23 3XO F . -10.19 -21.86 -26.33
H24 3XO F . -11.71 -21.11 -26.78
O3 3XO G . -19.19 13.08 22.38
C4 3XO G . -24.14 13.93 22.70
C5 3XO G . -23.04 14.21 21.93
O4 3XO G . -19.01 11.48 19.09
C6 3XO G . -26.35 13.38 24.72
N1 3XO G . -27.63 13.03 26.92
C7 3XO G . -27.45 13.17 25.58
C8 3XO G . -28.42 13.16 24.43
N2 3XO G . -28.07 11.27 29.06
C9 3XO G . -27.22 13.40 23.49
O5 3XO G . -17.99 14.07 18.53
C10 3XO G . -26.56 12.81 27.89
O6 3XO G . -17.18 14.72 21.11
C11 3XO G . -26.74 11.42 28.48
C12 3XO G . -29.09 11.55 28.06
C13 3XO G . -28.95 12.96 27.53
O7 3XO G . -17.95 10.48 22.23
C14 3XO G . -28.23 9.92 29.59
C15 3XO G . -19.40 14.43 22.01
O2 3XO G . -27.10 13.54 22.32
O1 3XO G . -29.60 13.04 24.31
N 3XO G . -25.01 13.49 24.98
C3 3XO G . -23.96 13.78 24.08
C2 3XO G . -22.68 13.92 24.65
C1 3XO G . -21.58 14.20 23.85
CL 3XO G . -23.27 14.39 20.25
C 3XO G . -21.77 14.36 22.47
O 3XO G . -20.75 14.65 21.61
C19 3XO G . -18.56 14.78 20.79
C18 3XO G . -18.85 13.82 19.64
C17 3XO G . -18.65 12.39 20.12
C16 3XO G . -19.51 12.14 21.35
C20 3XO G . -19.32 10.75 21.91
H6 3XO G . -25.11 13.84 22.22
H20 3XO G . -19.99 11.50 19.02
H21 3XO G . -17.49 14.90 18.74
H8 3XO G . -26.57 13.56 28.68
H9 3XO G . -25.60 12.91 27.38
H22 3XO G . -16.75 15.48 20.65
H11 3XO G . -25.99 11.28 29.25
H10 3XO G . -26.49 10.67 27.73
H12 3XO G . -30.08 11.46 28.52
H13 3XO G . -29.11 10.84 27.24
H15 3XO G . -29.04 13.71 28.31
H14 3XO G . -29.73 13.18 26.80
H25 3XO G . -17.67 11.12 22.94
H18 3XO G . -27.27 9.54 29.94
H17 3XO G . -28.93 9.80 30.42
H16 3XO G . -28.56 9.24 28.80
H 3XO G . -19.08 14.98 22.89
H7 3XO G . -24.77 13.37 25.95
H5 3XO G . -22.54 13.79 25.72
H4 3XO G . -20.59 14.31 24.30
H3 3XO G . -18.82 15.79 20.48
H2 3XO G . -19.88 13.96 19.32
H1 3XO G . -17.60 12.27 20.39
H19 3XO G . -20.56 12.24 21.07
H23 3XO G . -19.85 10.60 22.86
H24 3XO G . -19.72 10.00 21.23
#